data_4O4E
#
_entry.id   4O4E
#
_cell.length_a   102.999
_cell.length_b   102.999
_cell.length_c   110.976
_cell.angle_alpha   90.00
_cell.angle_beta   90.00
_cell.angle_gamma   90.00
#
_symmetry.space_group_name_H-M   'I 41 2 2'
#
loop_
_entity.id
_entity.type
_entity.pdbx_description
1 polymer 'Inositol hexakisphosphate kinase'
2 non-polymer 'MAGNESIUM ION'
3 non-polymer MYO-INOSITOL-(1,3,4,5,6)-PENTAKISPHOSPHATE
4 non-polymer "ADENOSINE-5'-TRIPHOSPHATE"
5 non-polymer 'PHOSPHATE ION'
6 water water
#
_entity_poly.entity_id   1
_entity_poly.type   'polypeptide(L)'
_entity_poly.pdbx_seq_one_letter_code
;GSFTQQLHPDGQYLLKPCLSHRERDFYLHIKDDKEWTGTGIIPKFYGVELHEFGFGELEFIRMENLMYKYKRPFVLDLKI
GTQTWDPETASSKMKKRLVVDSTSTTTSLGVRFSGMERNIGEEKPILYSRYLCTHEVNTRDSLKEYIKLFFNDGKKYRKE
LVPYFISQLDKMIEVMKKREYKMFSSSVLFVYDSTTTLEDKKYNCKMIDFAHNWILSEEECTVEDGFLFGLNNLKSILED
IENEFKSL
;
_entity_poly.pdbx_strand_id   A
#
loop_
_chem_comp.id
_chem_comp.type
_chem_comp.name
_chem_comp.formula
5MY non-polymer MYO-INOSITOL-(1,3,4,5,6)-PENTAKISPHOSPHATE 'C6 H17 O21 P5'
ATP non-polymer ADENOSINE-5'-TRIPHOSPHATE 'C10 H16 N5 O13 P3'
MG non-polymer 'MAGNESIUM ION' 'Mg 2'
PO4 non-polymer 'PHOSPHATE ION' 'O4 P -3'
#
# COMPACT_ATOMS: atom_id res chain seq x y z
N GLY A 1 3.60 10.41 -7.83
CA GLY A 1 4.13 11.17 -8.99
C GLY A 1 3.12 12.10 -9.62
N SER A 2 1.83 11.73 -9.61
CA SER A 2 0.83 12.53 -10.34
C SER A 2 0.29 13.72 -9.52
N PHE A 3 0.64 13.80 -8.23
CA PHE A 3 0.26 14.92 -7.35
C PHE A 3 1.37 15.13 -6.29
N THR A 4 1.47 16.32 -5.72
CA THR A 4 2.43 16.57 -4.61
C THR A 4 2.06 15.69 -3.41
N GLN A 5 2.95 14.72 -3.10
CA GLN A 5 2.61 13.54 -2.29
C GLN A 5 2.36 13.78 -0.81
N GLN A 6 2.64 14.99 -0.35
CA GLN A 6 2.09 15.45 0.92
C GLN A 6 1.92 16.98 0.89
N PRO A 9 -0.99 15.87 4.38
CA PRO A 9 -2.39 15.53 4.29
C PRO A 9 -3.19 15.83 5.58
N ASP A 10 -3.88 16.98 5.59
CA ASP A 10 -4.88 17.29 6.64
C ASP A 10 -6.19 17.91 6.07
N GLY A 11 -6.44 17.70 4.78
CA GLY A 11 -7.77 17.83 4.19
C GLY A 11 -8.44 16.47 4.14
N GLN A 12 -9.74 16.47 3.86
CA GLN A 12 -10.54 15.27 3.97
C GLN A 12 -10.34 14.28 2.81
N TYR A 13 -9.94 14.82 1.66
CA TYR A 13 -9.94 14.07 0.41
C TYR A 13 -8.58 14.04 -0.27
N LEU A 14 -8.43 13.03 -1.12
CA LEU A 14 -7.40 13.02 -2.14
C LEU A 14 -8.15 13.02 -3.45
N LEU A 15 -7.85 13.99 -4.31
CA LEU A 15 -8.46 14.03 -5.63
C LEU A 15 -7.36 13.68 -6.63
N LYS A 16 -7.32 12.40 -7.01
CA LYS A 16 -6.22 11.81 -7.81
C LYS A 16 -6.58 11.78 -9.28
N PRO A 17 -5.75 12.36 -10.15
CA PRO A 17 -6.07 12.37 -11.58
C PRO A 17 -6.03 10.97 -12.21
N CYS A 18 -6.91 10.72 -13.16
CA CYS A 18 -6.92 9.50 -13.95
C CYS A 18 -6.04 9.67 -15.19
N LEU A 19 -4.83 9.15 -15.13
CA LEU A 19 -3.93 9.23 -16.26
C LEU A 19 -4.07 8.01 -17.21
N SER A 20 -4.71 6.94 -16.74
CA SER A 20 -5.12 5.84 -17.62
C SER A 20 -6.48 5.32 -17.10
N HIS A 21 -7.06 4.33 -17.77
CA HIS A 21 -8.37 3.79 -17.38
C HIS A 21 -8.36 2.79 -16.21
N ARG A 22 -7.18 2.26 -15.84
CA ARG A 22 -7.20 1.04 -15.04
C ARG A 22 -7.63 1.28 -13.61
N GLU A 23 -7.14 2.34 -12.98
CA GLU A 23 -7.48 2.60 -11.56
C GLU A 23 -8.95 2.90 -11.47
N ARG A 24 -9.43 3.73 -12.37
CA ARG A 24 -10.86 4.12 -12.33
C ARG A 24 -11.79 2.95 -12.66
N ASP A 25 -11.35 2.08 -13.58
CA ASP A 25 -12.15 0.89 -13.91
C ASP A 25 -12.22 -0.03 -12.74
N PHE A 26 -11.13 -0.13 -11.97
CA PHE A 26 -11.14 -1.01 -10.84
C PHE A 26 -12.09 -0.50 -9.75
N TYR A 27 -11.94 0.76 -9.34
CA TYR A 27 -12.83 1.34 -8.31
C TYR A 27 -14.33 1.21 -8.69
N LEU A 28 -14.65 1.54 -9.95
CA LEU A 28 -16.04 1.38 -10.48
C LEU A 28 -16.52 -0.05 -10.42
N HIS A 29 -15.60 -0.99 -10.62
CA HIS A 29 -15.95 -2.39 -10.67
C HIS A 29 -16.22 -2.93 -9.29
N ILE A 30 -15.47 -2.50 -8.27
CA ILE A 30 -15.67 -3.03 -6.91
C ILE A 30 -16.63 -2.16 -6.06
N LYS A 31 -17.02 -1.02 -6.62
CA LYS A 31 -17.94 -0.07 -6.00
C LYS A 31 -19.19 -0.62 -5.29
N ASP A 32 -19.79 -1.67 -5.84
CA ASP A 32 -20.98 -2.30 -5.23
C ASP A 32 -20.71 -3.61 -4.49
N ASP A 33 -19.44 -4.05 -4.47
N ASP A 33 -19.45 -4.06 -4.48
CA ASP A 33 -19.06 -5.31 -3.83
CA ASP A 33 -19.07 -5.32 -3.82
C ASP A 33 -18.72 -5.05 -2.35
C ASP A 33 -18.74 -5.03 -2.35
N LYS A 34 -19.69 -5.33 -1.48
CA LYS A 34 -19.53 -5.18 -0.04
C LYS A 34 -18.21 -5.77 0.52
N GLU A 35 -17.66 -6.79 -0.16
CA GLU A 35 -16.41 -7.39 0.30
C GLU A 35 -15.18 -6.48 0.11
N TRP A 36 -15.31 -5.48 -0.77
CA TRP A 36 -14.27 -4.48 -1.01
C TRP A 36 -14.52 -3.18 -0.22
N THR A 37 -15.79 -2.75 -0.21
CA THR A 37 -16.21 -1.41 0.29
C THR A 37 -16.74 -1.36 1.73
N GLY A 38 -17.08 -2.52 2.31
CA GLY A 38 -17.58 -2.58 3.70
C GLY A 38 -16.58 -3.27 4.61
N THR A 39 -15.47 -3.74 4.02
CA THR A 39 -14.43 -4.40 4.76
C THR A 39 -13.35 -3.43 5.26
N GLY A 40 -13.35 -2.20 4.76
CA GLY A 40 -12.32 -1.23 5.13
C GLY A 40 -10.91 -1.60 4.67
N ILE A 41 -10.76 -2.22 3.50
CA ILE A 41 -9.44 -2.63 3.00
C ILE A 41 -8.90 -1.74 1.87
N ILE A 42 -9.75 -0.86 1.34
CA ILE A 42 -9.29 0.17 0.38
C ILE A 42 -9.84 1.53 0.82
N PRO A 43 -9.25 2.61 0.34
CA PRO A 43 -9.82 3.91 0.72
C PRO A 43 -11.29 4.07 0.29
N LYS A 44 -12.06 4.76 1.12
CA LYS A 44 -13.44 5.09 0.79
C LYS A 44 -13.44 5.84 -0.52
N PHE A 45 -14.21 5.34 -1.48
CA PHE A 45 -14.29 5.85 -2.82
C PHE A 45 -15.54 6.71 -2.93
N TYR A 46 -15.36 8.01 -3.21
CA TYR A 46 -16.50 8.92 -3.32
C TYR A 46 -17.08 8.94 -4.73
N GLY A 47 -16.25 8.73 -5.75
CA GLY A 47 -16.72 8.67 -7.13
C GLY A 47 -15.65 9.20 -8.09
N VAL A 48 -15.89 8.99 -9.37
CA VAL A 48 -15.09 9.56 -10.44
C VAL A 48 -15.75 10.90 -10.78
N GLU A 49 -14.97 11.93 -11.01
CA GLU A 49 -15.50 13.28 -11.22
C GLU A 49 -14.70 13.94 -12.35
N LEU A 50 -15.36 14.78 -13.13
CA LEU A 50 -14.68 15.60 -14.13
C LEU A 50 -14.41 16.97 -13.51
N HIS A 51 -13.19 17.47 -13.67
CA HIS A 51 -12.82 18.82 -13.30
C HIS A 51 -12.13 19.52 -14.49
N GLU A 52 -12.36 20.81 -14.64
CA GLU A 52 -11.80 21.57 -15.78
C GLU A 52 -10.29 21.44 -15.80
N PHE A 53 -9.73 21.22 -16.99
CA PHE A 53 -8.31 21.02 -17.17
C PHE A 53 -8.03 21.18 -18.65
N GLY A 54 -7.07 22.03 -18.98
CA GLY A 54 -6.68 22.27 -20.36
C GLY A 54 -7.81 22.89 -21.15
N PHE A 55 -8.13 22.27 -22.27
CA PHE A 55 -9.20 22.80 -23.11
C PHE A 55 -10.55 22.20 -22.71
N GLY A 56 -10.56 21.19 -21.85
CA GLY A 56 -11.80 20.50 -21.53
C GLY A 56 -11.84 20.08 -20.08
N GLU A 57 -11.92 18.77 -19.88
CA GLU A 57 -12.10 18.19 -18.56
C GLU A 57 -11.16 17.00 -18.38
N LEU A 58 -10.71 16.77 -17.17
CA LEU A 58 -9.88 15.62 -16.83
C LEU A 58 -10.65 14.84 -15.74
N GLU A 59 -10.59 13.52 -15.83
CA GLU A 59 -11.24 12.64 -14.88
C GLU A 59 -10.33 12.45 -13.66
N PHE A 60 -10.93 12.48 -12.47
CA PHE A 60 -10.26 12.31 -11.21
C PHE A 60 -11.04 11.27 -10.37
N ILE A 61 -10.34 10.63 -9.46
CA ILE A 61 -10.95 9.79 -8.40
C ILE A 61 -10.92 10.57 -7.12
N ARG A 62 -12.09 10.74 -6.52
CA ARG A 62 -12.15 11.32 -5.19
C ARG A 62 -12.22 10.19 -4.20
N MET A 63 -11.25 10.18 -3.30
CA MET A 63 -11.17 9.21 -2.22
C MET A 63 -10.85 9.88 -0.90
N GLU A 64 -11.02 9.14 0.19
CA GLU A 64 -10.65 9.65 1.50
C GLU A 64 -9.13 9.84 1.61
N ASN A 65 -8.73 10.91 2.28
CA ASN A 65 -7.38 11.07 2.77
C ASN A 65 -7.23 10.25 4.05
N LEU A 66 -6.42 9.20 3.99
CA LEU A 66 -6.24 8.28 5.13
C LEU A 66 -5.61 8.91 6.37
N MET A 67 -4.96 10.06 6.22
CA MET A 67 -4.36 10.75 7.35
C MET A 67 -5.04 12.06 7.75
N TYR A 68 -6.28 12.25 7.32
CA TYR A 68 -7.09 13.40 7.74
C TYR A 68 -7.00 13.55 9.27
N LYS A 69 -6.56 14.72 9.72
CA LYS A 69 -6.51 15.11 11.16
C LYS A 69 -5.48 14.39 12.01
N TYR A 70 -4.51 13.74 11.37
CA TYR A 70 -3.41 13.12 12.08
C TYR A 70 -2.45 14.20 12.54
N LYS A 71 -2.11 14.22 13.84
CA LYS A 71 -1.15 15.20 14.39
C LYS A 71 0.34 14.87 14.20
N ARG A 72 0.75 13.65 14.50
CA ARG A 72 2.14 13.17 14.28
C ARG A 72 2.07 11.90 13.40
N PRO A 73 1.94 12.04 12.08
CA PRO A 73 1.77 10.86 11.21
C PRO A 73 2.98 9.96 11.12
N PHE A 74 2.74 8.65 11.18
CA PHE A 74 3.72 7.63 10.86
C PHE A 74 3.16 6.91 9.61
N VAL A 75 4.00 6.75 8.59
CA VAL A 75 3.60 6.17 7.28
C VAL A 75 4.64 5.17 6.80
N LEU A 76 4.18 3.98 6.42
CA LEU A 76 5.03 2.97 5.81
C LEU A 76 4.29 2.45 4.56
N ASP A 77 5.00 2.45 3.42
CA ASP A 77 4.48 1.95 2.16
C ASP A 77 5.24 0.69 1.80
N LEU A 78 4.51 -0.39 1.62
CA LEU A 78 5.08 -1.69 1.22
C LEU A 78 4.51 -2.13 -0.12
N LYS A 79 5.37 -2.33 -1.10
CA LYS A 79 4.92 -2.67 -2.44
C LYS A 79 4.75 -4.20 -2.49
N ILE A 80 3.61 -4.65 -3.01
CA ILE A 80 3.18 -6.05 -2.94
C ILE A 80 3.23 -6.76 -4.30
N GLY A 81 3.73 -7.99 -4.31
CA GLY A 81 3.79 -8.77 -5.53
C GLY A 81 5.17 -9.34 -5.76
N THR A 82 5.25 -10.39 -6.56
CA THR A 82 6.55 -10.97 -6.90
C THR A 82 7.23 -10.34 -8.13
N GLN A 83 6.53 -9.45 -8.82
CA GLN A 83 7.13 -8.57 -9.84
C GLN A 83 6.39 -7.25 -9.87
N THR A 84 7.09 -6.19 -10.27
CA THR A 84 6.49 -4.86 -10.32
C THR A 84 6.34 -4.31 -11.73
N TRP A 85 6.46 -5.18 -12.73
CA TRP A 85 6.14 -4.87 -14.11
C TRP A 85 4.95 -5.70 -14.50
N ASP A 86 4.25 -5.28 -15.54
CA ASP A 86 3.10 -6.01 -16.08
C ASP A 86 3.11 -6.01 -17.60
N PRO A 87 2.08 -6.59 -18.24
CA PRO A 87 2.17 -6.67 -19.72
C PRO A 87 2.27 -5.35 -20.47
N GLU A 88 1.92 -4.24 -19.85
CA GLU A 88 1.98 -2.93 -20.48
C GLU A 88 3.23 -2.12 -20.16
N THR A 89 4.10 -2.58 -19.27
CA THR A 89 5.27 -1.82 -18.88
C THR A 89 6.17 -1.50 -20.08
N ALA A 90 6.63 -0.25 -20.15
CA ALA A 90 7.48 0.16 -21.24
C ALA A 90 8.85 -0.56 -21.21
N SER A 91 9.33 -0.91 -22.39
CA SER A 91 10.63 -1.61 -22.54
C SER A 91 11.81 -0.83 -21.97
N SER A 92 11.77 0.51 -22.07
CA SER A 92 12.86 1.32 -21.52
C SER A 92 12.95 1.28 -19.97
N LYS A 93 11.87 0.89 -19.29
CA LYS A 93 11.87 0.70 -17.83
C LYS A 93 12.25 -0.73 -17.39
N MET A 94 12.28 -1.69 -18.30
CA MET A 94 12.34 -3.09 -17.92
C MET A 94 13.64 -3.58 -17.30
N LYS A 95 14.81 -3.16 -17.82
CA LYS A 95 16.04 -3.61 -17.18
C LYS A 95 15.99 -3.20 -15.69
N LYS A 96 15.63 -1.97 -15.42
CA LYS A 96 15.57 -1.50 -14.03
C LYS A 96 14.54 -2.29 -13.20
N ARG A 97 13.34 -2.51 -13.74
CA ARG A 97 12.30 -3.24 -13.00
C ARG A 97 12.80 -4.62 -12.63
N LEU A 98 13.43 -5.28 -13.60
CA LEU A 98 13.96 -6.62 -13.37
C LEU A 98 15.03 -6.63 -12.27
N VAL A 99 15.95 -5.68 -12.33
CA VAL A 99 17.04 -5.61 -11.34
C VAL A 99 16.50 -5.30 -9.92
N VAL A 100 15.65 -4.29 -9.80
CA VAL A 100 15.09 -3.90 -8.52
C VAL A 100 14.27 -5.07 -7.94
N ASP A 101 13.41 -5.70 -8.74
CA ASP A 101 12.66 -6.86 -8.23
C ASP A 101 13.59 -7.96 -7.68
N SER A 102 14.71 -8.23 -8.34
CA SER A 102 15.61 -9.32 -7.94
CA SER A 102 15.59 -9.33 -7.92
C SER A 102 16.55 -8.94 -6.80
N THR A 103 16.86 -7.66 -6.65
CA THR A 103 17.81 -7.23 -5.62
C THR A 103 17.13 -6.73 -4.33
N SER A 104 15.81 -6.61 -4.40
CA SER A 104 14.99 -6.34 -3.24
C SER A 104 14.41 -7.68 -2.74
N THR A 105 13.48 -7.61 -1.82
CA THR A 105 12.73 -8.80 -1.35
C THR A 105 11.53 -9.18 -2.22
N THR A 106 11.30 -8.44 -3.31
CA THR A 106 10.14 -8.65 -4.15
C THR A 106 10.07 -10.09 -4.70
N THR A 107 11.11 -10.57 -5.37
CA THR A 107 10.99 -11.88 -6.03
C THR A 107 10.95 -13.01 -4.97
N SER A 108 11.60 -12.81 -3.83
CA SER A 108 11.69 -13.83 -2.78
C SER A 108 10.49 -13.86 -1.81
N LEU A 109 9.99 -12.69 -1.40
CA LEU A 109 8.91 -12.60 -0.42
C LEU A 109 7.58 -12.09 -0.99
N GLY A 110 7.61 -11.42 -2.15
CA GLY A 110 6.41 -10.81 -2.73
C GLY A 110 6.00 -9.54 -2.00
N VAL A 111 6.93 -8.97 -1.26
CA VAL A 111 6.70 -7.71 -0.55
C VAL A 111 8.06 -7.02 -0.45
N ARG A 112 8.08 -5.69 -0.59
CA ARG A 112 9.30 -4.92 -0.38
C ARG A 112 9.05 -3.55 0.26
N PHE A 113 10.05 -3.08 1.01
CA PHE A 113 10.06 -1.77 1.59
C PHE A 113 9.94 -0.69 0.49
N SER A 114 9.07 0.29 0.69
CA SER A 114 8.85 1.34 -0.32
C SER A 114 9.04 2.80 0.13
N GLY A 115 9.38 3.02 1.40
CA GLY A 115 9.43 4.35 1.96
C GLY A 115 8.68 4.46 3.28
N MET A 116 9.20 5.30 4.17
CA MET A 116 8.63 5.48 5.50
C MET A 116 8.87 6.90 5.98
N GLU A 117 7.96 7.39 6.81
CA GLU A 117 8.08 8.69 7.48
C GLU A 117 7.74 8.50 8.97
N ARG A 118 8.59 9.02 9.86
CA ARG A 118 8.33 8.91 11.31
C ARG A 118 8.46 10.33 11.89
N ASN A 119 7.45 10.75 12.66
CA ASN A 119 7.40 12.09 13.26
C ASN A 119 7.55 11.98 14.78
N ILE A 120 8.77 12.18 15.27
CA ILE A 120 9.10 11.85 16.66
C ILE A 120 9.28 13.10 17.56
N GLY A 121 8.58 14.19 17.26
CA GLY A 121 8.60 15.39 18.10
C GLY A 121 9.70 16.40 17.77
N GLU A 122 10.76 15.93 17.10
CA GLU A 122 11.91 16.76 16.73
C GLU A 122 11.76 17.38 15.34
N GLU A 123 10.52 17.41 14.82
CA GLU A 123 10.29 17.66 13.40
C GLU A 123 11.11 18.85 12.92
N LYS A 124 11.67 18.79 11.71
CA LYS A 124 11.24 17.90 10.61
C LYS A 124 11.10 16.36 10.87
N PRO A 125 10.15 15.71 10.18
CA PRO A 125 10.01 14.26 10.19
C PRO A 125 11.24 13.52 9.65
N ILE A 126 11.45 12.30 10.11
CA ILE A 126 12.56 11.47 9.62
C ILE A 126 12.04 10.66 8.43
N LEU A 127 12.68 10.84 7.29
CA LEU A 127 12.26 10.23 6.02
C LEU A 127 13.21 9.11 5.65
N TYR A 128 12.64 7.98 5.24
CA TYR A 128 13.43 6.80 4.88
C TYR A 128 13.12 6.48 3.42
N SER A 129 14.14 6.59 2.57
CA SER A 129 13.93 6.55 1.13
C SER A 129 13.44 5.17 0.69
N ARG A 130 12.54 5.12 -0.28
CA ARG A 130 12.17 3.85 -0.92
C ARG A 130 13.37 3.11 -1.50
N TYR A 131 14.41 3.86 -1.85
CA TYR A 131 15.62 3.22 -2.41
C TYR A 131 16.44 2.38 -1.44
N LEU A 132 16.15 2.49 -0.15
CA LEU A 132 16.75 1.59 0.85
C LEU A 132 16.47 0.11 0.57
N CYS A 133 15.45 -0.19 -0.25
CA CYS A 133 15.01 -1.61 -0.47
C CYS A 133 16.05 -2.54 -1.08
N THR A 134 17.00 -2.00 -1.86
CA THR A 134 18.00 -2.87 -2.45
C THR A 134 19.31 -2.90 -1.64
N HIS A 135 19.39 -2.18 -0.53
CA HIS A 135 20.59 -2.27 0.34
C HIS A 135 20.18 -2.55 1.78
N GLU A 136 19.76 -1.54 2.51
CA GLU A 136 19.50 -1.67 3.94
C GLU A 136 18.32 -2.59 4.30
N VAL A 137 17.31 -2.68 3.42
CA VAL A 137 16.10 -3.46 3.72
C VAL A 137 15.94 -4.56 2.69
N ASN A 138 17.03 -5.27 2.36
CA ASN A 138 16.98 -6.28 1.28
C ASN A 138 16.86 -7.75 1.72
N THR A 139 16.49 -7.99 2.95
CA THR A 139 16.24 -9.34 3.42
C THR A 139 14.98 -9.36 4.28
N ARG A 140 14.44 -10.56 4.51
CA ARG A 140 13.31 -10.72 5.42
C ARG A 140 13.62 -10.13 6.80
N ASP A 141 14.80 -10.44 7.33
CA ASP A 141 15.22 -9.98 8.67
C ASP A 141 15.27 -8.44 8.75
N SER A 142 15.86 -7.80 7.75
CA SER A 142 15.93 -6.33 7.73
C SER A 142 14.56 -5.64 7.48
N LEU A 143 13.72 -6.22 6.61
CA LEU A 143 12.33 -5.75 6.45
C LEU A 143 11.59 -5.81 7.78
N LYS A 144 11.75 -6.91 8.51
CA LYS A 144 11.18 -7.05 9.86
C LYS A 144 11.63 -5.94 10.79
N GLU A 145 12.94 -5.63 10.77
CA GLU A 145 13.49 -4.54 11.61
C GLU A 145 12.93 -3.14 11.29
N TYR A 146 12.81 -2.83 10.01
CA TYR A 146 12.20 -1.57 9.59
C TYR A 146 10.70 -1.46 9.91
N ILE A 147 9.96 -2.58 9.85
CA ILE A 147 8.56 -2.54 10.24
C ILE A 147 8.48 -2.32 11.78
N LYS A 148 9.37 -2.96 12.55
CA LYS A 148 9.44 -2.66 13.98
C LYS A 148 9.69 -1.19 14.22
N LEU A 149 10.55 -0.59 13.40
CA LEU A 149 10.91 0.81 13.55
C LEU A 149 9.72 1.71 13.27
N PHE A 150 8.88 1.31 12.29
CA PHE A 150 7.59 1.99 12.05
C PHE A 150 6.75 2.07 13.32
N PHE A 151 6.67 0.96 14.06
CA PHE A 151 5.92 0.90 15.33
C PHE A 151 6.66 1.54 16.55
N ASN A 152 7.85 2.08 16.31
CA ASN A 152 8.60 2.84 17.34
C ASN A 152 8.24 4.33 17.20
N ASP A 153 7.47 4.83 18.15
CA ASP A 153 6.96 6.20 18.06
C ASP A 153 7.95 7.22 18.62
N GLY A 154 9.14 6.75 18.98
CA GLY A 154 10.21 7.63 19.50
C GLY A 154 10.35 7.49 21.00
N LYS A 155 9.38 6.86 21.64
CA LYS A 155 9.36 6.66 23.09
C LYS A 155 9.12 5.20 23.46
N LYS A 156 8.32 4.48 22.66
CA LYS A 156 8.12 3.06 22.89
C LYS A 156 7.60 2.36 21.63
N TYR A 157 7.60 1.02 21.65
CA TYR A 157 7.00 0.22 20.59
C TYR A 157 5.51 0.16 20.81
N ARG A 158 4.75 0.48 19.78
CA ARG A 158 3.29 0.51 19.85
C ARG A 158 2.73 -0.85 19.54
N LYS A 159 3.09 -1.79 20.41
CA LYS A 159 2.76 -3.18 20.19
C LYS A 159 1.26 -3.40 20.15
N GLU A 160 0.50 -2.51 20.79
CA GLU A 160 -0.95 -2.65 20.85
C GLU A 160 -1.65 -2.42 19.51
N LEU A 161 -0.98 -1.77 18.55
CA LEU A 161 -1.54 -1.55 17.21
C LEU A 161 -1.37 -2.72 16.25
N VAL A 162 -0.44 -3.62 16.55
CA VAL A 162 -0.07 -4.66 15.59
C VAL A 162 -1.24 -5.59 15.27
N PRO A 163 -2.07 -5.95 16.28
CA PRO A 163 -3.23 -6.79 15.94
C PRO A 163 -4.21 -6.19 14.91
N TYR A 164 -4.44 -4.89 14.95
CA TYR A 164 -5.26 -4.23 13.93
C TYR A 164 -4.67 -4.51 12.56
N PHE A 165 -3.36 -4.39 12.44
CA PHE A 165 -2.72 -4.51 11.15
C PHE A 165 -2.84 -5.94 10.62
N ILE A 166 -2.69 -6.93 11.50
CA ILE A 166 -2.86 -8.30 11.07
C ILE A 166 -4.28 -8.56 10.63
N SER A 167 -5.24 -8.04 11.40
CA SER A 167 -6.66 -8.21 11.08
C SER A 167 -6.97 -7.62 9.70
N GLN A 168 -6.40 -6.46 9.38
CA GLN A 168 -6.56 -5.86 8.05
C GLN A 168 -6.00 -6.75 6.93
N LEU A 169 -4.81 -7.27 7.13
CA LEU A 169 -4.19 -8.17 6.16
C LEU A 169 -5.00 -9.46 5.94
N ASP A 170 -5.59 -10.00 7.01
CA ASP A 170 -6.55 -11.10 6.89
C ASP A 170 -7.71 -10.83 5.99
N LYS A 171 -8.31 -9.65 6.09
CA LYS A 171 -9.39 -9.23 5.21
C LYS A 171 -8.97 -9.12 3.74
N MET A 172 -7.77 -8.56 3.52
CA MET A 172 -7.18 -8.53 2.18
C MET A 172 -6.92 -9.92 1.60
N ILE A 173 -6.37 -10.82 2.40
CA ILE A 173 -6.16 -12.20 1.99
C ILE A 173 -7.46 -12.89 1.56
N GLU A 174 -8.49 -12.76 2.41
CA GLU A 174 -9.80 -13.35 2.13
C GLU A 174 -10.37 -12.91 0.77
N VAL A 175 -10.30 -11.63 0.46
CA VAL A 175 -10.78 -11.18 -0.86
C VAL A 175 -9.87 -11.58 -2.05
N MET A 176 -8.55 -11.50 -1.88
CA MET A 176 -7.63 -11.79 -2.97
C MET A 176 -7.48 -13.28 -3.30
N LYS A 177 -7.89 -14.15 -2.37
CA LYS A 177 -7.99 -15.60 -2.64
C LYS A 177 -8.91 -15.95 -3.80
N LYS A 178 -9.86 -15.06 -4.09
CA LYS A 178 -10.82 -15.28 -5.17
C LYS A 178 -10.25 -15.05 -6.57
N ARG A 179 -9.09 -14.39 -6.67
CA ARG A 179 -8.39 -14.18 -7.94
C ARG A 179 -9.25 -13.55 -9.03
N GLU A 180 -10.04 -12.55 -8.68
CA GLU A 180 -10.73 -11.78 -9.71
C GLU A 180 -9.89 -10.67 -10.37
N TYR A 181 -8.81 -10.24 -9.71
CA TYR A 181 -8.00 -9.14 -10.22
C TYR A 181 -6.53 -9.50 -10.06
N LYS A 182 -5.71 -8.99 -10.98
CA LYS A 182 -4.26 -8.97 -10.81
C LYS A 182 -3.82 -7.53 -10.60
N MET A 183 -2.93 -7.32 -9.65
CA MET A 183 -2.50 -5.98 -9.29
C MET A 183 -0.99 -5.95 -9.32
N PHE A 184 -0.41 -5.00 -10.04
CA PHE A 184 1.03 -4.88 -10.15
C PHE A 184 1.44 -3.50 -9.65
N SER A 185 2.47 -3.44 -8.83
N SER A 185 2.50 -3.43 -8.85
CA SER A 185 2.99 -2.18 -8.32
CA SER A 185 3.00 -2.18 -8.25
C SER A 185 2.06 -1.49 -7.32
C SER A 185 1.94 -1.44 -7.41
N SER A 186 1.03 -2.19 -6.82
CA SER A 186 0.16 -1.66 -5.77
CA SER A 186 0.17 -1.68 -5.77
C SER A 186 0.88 -1.82 -4.43
N SER A 187 0.41 -1.09 -3.43
CA SER A 187 1.01 -1.09 -2.13
C SER A 187 -0.01 -1.33 -1.02
N VAL A 188 0.48 -1.78 0.13
CA VAL A 188 -0.26 -1.67 1.37
C VAL A 188 0.35 -0.48 2.10
N LEU A 189 -0.49 0.49 2.48
CA LEU A 189 -0.06 1.66 3.23
C LEU A 189 -0.47 1.46 4.71
N PHE A 190 0.51 1.55 5.59
CA PHE A 190 0.28 1.50 7.07
C PHE A 190 0.44 2.91 7.55
N VAL A 191 -0.53 3.43 8.29
CA VAL A 191 -0.40 4.73 8.88
C VAL A 191 -0.96 4.73 10.32
N TYR A 192 -0.41 5.61 11.14
CA TYR A 192 -1.03 5.88 12.46
C TYR A 192 -0.57 7.26 12.90
N ASP A 193 -1.38 7.86 13.78
CA ASP A 193 -1.06 9.11 14.49
C ASP A 193 -0.47 8.70 15.83
N SER A 194 0.78 9.06 16.14
CA SER A 194 1.42 8.59 17.38
C SER A 194 0.73 9.15 18.63
N THR A 195 0.00 10.26 18.45
CA THR A 195 -0.80 10.80 19.53
C THR A 195 -2.13 10.03 19.75
N THR A 196 -2.46 9.05 18.91
CA THR A 196 -3.71 8.30 19.04
C THR A 196 -3.68 7.43 20.31
N THR A 197 -4.84 7.17 20.89
CA THR A 197 -5.05 6.00 21.74
C THR A 197 -5.76 4.96 20.88
N LEU A 198 -5.84 3.72 21.35
CA LEU A 198 -6.60 2.69 20.62
C LEU A 198 -8.01 3.11 20.30
N GLU A 199 -8.65 3.73 21.29
CA GLU A 199 -10.03 4.17 21.15
C GLU A 199 -10.20 5.25 20.09
N ASP A 200 -9.19 6.08 19.89
CA ASP A 200 -9.30 7.16 18.93
C ASP A 200 -9.35 6.67 17.47
N LYS A 201 -8.77 5.49 17.22
CA LYS A 201 -8.82 4.84 15.91
C LYS A 201 -8.18 5.64 14.79
N LYS A 202 -7.16 6.41 15.13
CA LYS A 202 -6.34 7.12 14.15
C LYS A 202 -5.18 6.21 13.72
N TYR A 203 -5.56 5.12 13.07
CA TYR A 203 -4.61 4.19 12.47
C TYR A 203 -5.31 3.53 11.31
N ASN A 204 -4.55 3.11 10.31
CA ASN A 204 -5.15 2.58 9.09
C ASN A 204 -4.21 1.70 8.33
N CYS A 205 -4.77 0.75 7.59
CA CYS A 205 -4.03 -0.17 6.79
C CYS A 205 -4.90 -0.45 5.58
N LYS A 206 -4.48 0.03 4.42
CA LYS A 206 -5.29 -0.09 3.20
C LYS A 206 -4.44 -0.41 2.02
N MET A 207 -5.02 -1.17 1.09
CA MET A 207 -4.42 -1.34 -0.24
CA MET A 207 -4.44 -1.33 -0.25
C MET A 207 -4.65 -0.06 -1.06
N ILE A 208 -3.63 0.39 -1.78
CA ILE A 208 -3.70 1.60 -2.58
C ILE A 208 -2.95 1.41 -3.93
N ASP A 209 -3.21 2.33 -4.85
CA ASP A 209 -2.53 2.52 -6.14
C ASP A 209 -2.78 1.43 -7.16
N PHE A 210 -3.90 1.59 -7.85
CA PHE A 210 -4.44 0.58 -8.73
C PHE A 210 -4.30 0.87 -10.19
N ALA A 211 -3.30 1.70 -10.52
CA ALA A 211 -3.04 2.08 -11.91
C ALA A 211 -2.69 0.90 -12.82
N HIS A 212 -2.26 -0.22 -12.25
CA HIS A 212 -1.93 -1.39 -13.05
C HIS A 212 -2.72 -2.61 -12.61
N ASN A 213 -4.02 -2.43 -12.46
CA ASN A 213 -4.93 -3.49 -12.07
C ASN A 213 -5.59 -4.05 -13.30
N TRP A 214 -5.71 -5.38 -13.36
CA TRP A 214 -6.27 -6.12 -14.51
C TRP A 214 -7.53 -6.81 -13.99
N ILE A 215 -8.61 -6.73 -14.76
CA ILE A 215 -9.91 -7.29 -14.35
C ILE A 215 -10.10 -8.56 -15.17
N LEU A 216 -9.90 -9.69 -14.49
CA LEU A 216 -9.73 -10.99 -15.18
C LEU A 216 -11.00 -11.51 -15.84
N SER A 217 -12.17 -11.05 -15.40
CA SER A 217 -13.42 -11.33 -16.14
C SER A 217 -13.60 -10.53 -17.45
N GLU A 218 -12.73 -9.54 -17.68
N GLU A 218 -12.71 -9.56 -17.69
CA GLU A 218 -12.84 -8.65 -18.84
CA GLU A 218 -12.84 -8.67 -18.85
C GLU A 218 -11.66 -8.78 -19.81
C GLU A 218 -11.61 -8.61 -19.74
N GLU A 219 -10.51 -9.23 -19.33
CA GLU A 219 -9.26 -9.17 -20.12
C GLU A 219 -8.29 -10.25 -19.69
N GLU A 220 -7.40 -10.64 -20.60
CA GLU A 220 -6.36 -11.62 -20.31
C GLU A 220 -5.10 -10.96 -19.72
N CYS A 221 -4.56 -11.59 -18.71
CA CYS A 221 -3.29 -11.19 -18.10
C CYS A 221 -2.60 -12.50 -17.68
N THR A 222 -1.70 -13.00 -18.52
CA THR A 222 -1.10 -14.30 -18.26
C THR A 222 -0.05 -14.26 -17.13
N VAL A 223 0.77 -13.22 -17.09
CA VAL A 223 1.81 -13.12 -16.07
CA VAL A 223 1.82 -13.12 -16.07
C VAL A 223 1.22 -13.09 -14.65
N GLU A 224 1.96 -13.64 -13.67
CA GLU A 224 1.44 -13.73 -12.30
C GLU A 224 1.86 -12.50 -11.49
N ASP A 225 1.00 -12.08 -10.55
CA ASP A 225 1.34 -10.94 -9.70
C ASP A 225 2.00 -11.37 -8.39
N GLY A 226 1.74 -12.60 -7.93
CA GLY A 226 2.20 -13.04 -6.63
C GLY A 226 1.69 -12.23 -5.43
N PHE A 227 0.51 -11.63 -5.59
CA PHE A 227 -0.05 -10.70 -4.64
C PHE A 227 -0.40 -11.44 -3.34
N LEU A 228 -1.06 -12.58 -3.48
CA LEU A 228 -1.47 -13.36 -2.30
C LEU A 228 -0.25 -13.94 -1.55
N PHE A 229 0.77 -14.37 -2.29
CA PHE A 229 2.04 -14.82 -1.70
C PHE A 229 2.67 -13.70 -0.89
N GLY A 230 2.65 -12.47 -1.43
CA GLY A 230 3.17 -11.34 -0.69
C GLY A 230 2.41 -10.99 0.58
N LEU A 231 1.09 -10.99 0.50
CA LEU A 231 0.25 -10.69 1.69
C LEU A 231 0.50 -11.72 2.81
N ASN A 232 0.58 -12.99 2.42
CA ASN A 232 0.85 -14.07 3.37
C ASN A 232 2.21 -13.92 4.04
N ASN A 233 3.23 -13.58 3.27
CA ASN A 233 4.55 -13.28 3.84
C ASN A 233 4.52 -12.08 4.75
N LEU A 234 3.82 -11.01 4.37
CA LEU A 234 3.78 -9.82 5.22
C LEU A 234 3.03 -10.16 6.55
N LYS A 235 1.96 -10.91 6.45
CA LYS A 235 1.21 -11.30 7.66
C LYS A 235 2.13 -12.08 8.60
N SER A 236 2.90 -12.99 8.05
CA SER A 236 3.82 -13.84 8.78
C SER A 236 4.88 -12.98 9.48
N ILE A 237 5.35 -11.92 8.83
CA ILE A 237 6.29 -11.01 9.45
C ILE A 237 5.67 -10.24 10.60
N LEU A 238 4.43 -9.80 10.42
CA LEU A 238 3.73 -9.11 11.51
C LEU A 238 3.52 -10.07 12.72
N GLU A 239 3.22 -11.33 12.45
CA GLU A 239 3.01 -12.31 13.57
C GLU A 239 4.33 -12.56 14.31
N ASP A 240 5.43 -12.61 13.57
CA ASP A 240 6.77 -12.68 14.16
C ASP A 240 7.02 -11.48 15.06
N ILE A 241 6.58 -10.31 14.62
CA ILE A 241 6.77 -9.07 15.40
C ILE A 241 5.95 -9.03 16.67
N GLU A 242 4.71 -9.53 16.60
CA GLU A 242 3.90 -9.67 17.80
C GLU A 242 4.64 -10.55 18.79
N ASN A 243 5.13 -11.69 18.32
CA ASN A 243 5.91 -12.62 19.16
C ASN A 243 7.13 -11.94 19.79
N GLU A 244 7.89 -11.22 18.99
CA GLU A 244 9.07 -10.48 19.45
C GLU A 244 8.77 -9.33 20.41
N PHE A 245 7.60 -8.69 20.28
CA PHE A 245 7.25 -7.57 21.14
C PHE A 245 6.79 -8.01 22.54
N LYS A 246 6.59 -9.30 22.75
CA LYS A 246 6.21 -9.80 24.08
C LYS A 246 7.38 -9.78 25.04
N SER A 247 8.59 -10.00 24.52
CA SER A 247 9.81 -9.97 25.32
C SER A 247 10.10 -8.60 25.95
N LEU A 248 9.48 -7.55 25.42
CA LEU A 248 9.65 -6.18 25.95
C LEU A 248 9.37 -6.09 27.45
MG MG B . 3.57 6.87 -8.31
MG MG C . 2.59 4.04 -8.14
O31 5MY D . 11.31 6.10 -14.32
P1 5MY D . 10.93 4.95 -13.47
O21 5MY D . 11.97 3.91 -13.40
O41 5MY D . 9.54 4.47 -13.62
O11 5MY D . 11.04 5.61 -11.99
C1 5MY D . 9.85 5.89 -11.22
C2 5MY D . 9.53 7.35 -11.37
O12 5MY D . 10.62 8.16 -10.82
C3 5MY D . 8.19 7.59 -10.67
O13 5MY D . 7.79 8.96 -10.84
P3 5MY D . 6.81 9.33 -12.10
O23 5MY D . 6.22 10.63 -11.73
O33 5MY D . 5.85 8.21 -12.24
O43 5MY D . 7.84 9.40 -13.17
C6 5MY D . 10.00 5.55 -9.74
O16 5MY D . 10.35 4.19 -9.58
P6 5MY D . 11.56 3.65 -8.63
O26 5MY D . 11.02 3.94 -7.26
O36 5MY D . 11.56 2.24 -9.11
O46 5MY D . 12.63 4.54 -9.17
C5 5MY D . 8.64 5.77 -9.05
O15 5MY D . 8.75 5.43 -7.63
P5 5MY D . 7.85 4.33 -6.86
O25 5MY D . 7.35 5.12 -5.70
O35 5MY D . 6.79 3.91 -7.82
O45 5MY D . 8.81 3.29 -6.46
C4 5MY D . 8.24 7.23 -9.19
O14 5MY D . 6.92 7.37 -8.64
P4 5MY D . 6.55 8.26 -7.35
O34 5MY D . 5.09 7.99 -7.22
O44 5MY D . 7.32 7.72 -6.20
O24 5MY D . 6.96 9.60 -7.80
PG ATP E . 0.56 6.23 -9.79
O1G ATP E . -0.81 5.61 -9.65
O2G ATP E . 1.64 5.69 -8.88
O3G ATP E . 0.98 6.42 -11.23
PB ATP E . 0.81 8.34 -7.85
O1B ATP E . 2.20 7.98 -7.37
O2B ATP E . 0.45 9.79 -8.08
O3B ATP E . 0.34 7.73 -9.27
PA ATP E . -0.24 6.78 -5.51
O1A ATP E . -1.65 6.23 -5.40
O2A ATP E . 0.91 5.82 -5.62
O3A ATP E . -0.28 7.81 -6.76
O5' ATP E . -0.03 7.71 -4.22
C5' ATP E . 1.25 8.26 -3.89
C4' ATP E . 1.43 8.34 -2.36
O4' ATP E . 0.43 9.13 -1.72
C3' ATP E . 1.34 6.95 -1.72
O3' ATP E . 2.63 6.32 -1.78
C2' ATP E . 0.88 7.28 -0.32
O2' ATP E . 1.96 7.70 0.50
C1' ATP E . 0.02 8.50 -0.50
N9 ATP E . -1.40 8.13 -0.66
C8 ATP E . -1.96 7.51 -1.72
N7 ATP E . -3.29 7.34 -1.52
C5 ATP E . -3.55 7.92 -0.31
C6 ATP E . -4.74 8.19 0.51
N6 ATP E . -5.94 7.75 0.11
N1 ATP E . -4.60 8.81 1.68
C2 ATP E . -3.40 9.23 2.13
N3 ATP E . -2.27 9.05 1.43
C4 ATP E . -2.30 8.44 0.23
P PO4 F . -13.17 23.01 -9.96
O1 PO4 F . -14.53 22.69 -10.50
O2 PO4 F . -12.56 21.77 -9.35
O3 PO4 F . -12.31 23.52 -11.09
O4 PO4 F . -13.25 24.07 -8.88
#